data_5V3J
#
_entry.id   5V3J
#
_cell.length_a   55.787
_cell.length_b   65.706
_cell.length_c   73.022
_cell.angle_alpha   100.52
_cell.angle_beta   104.25
_cell.angle_gamma   97.25
#
_symmetry.space_group_name_H-M   'P 1'
#
loop_
_entity.id
_entity.type
_entity.pdbx_description
1 polymer 'DNA (26-MER)'
2 polymer 'DNA (26-MER)'
3 polymer 'Zinc finger protein 568'
4 non-polymer 'ZINC ION'
5 non-polymer 2-AMINO-2-HYDROXYMETHYL-PROPANE-1,3-DIOL
6 non-polymer 'MAGNESIUM ION'
7 water water
#
loop_
_entity_poly.entity_id
_entity_poly.type
_entity_poly.pdbx_seq_one_letter_code
_entity_poly.pdbx_strand_id
1 'polydeoxyribonucleotide'
;(DG)(DT)(DG)(DG)(DG)(DC)(DG)(DT)(DG)(DG)(DC)(DA)(DC)(DA)(DG)(DG)(DT)(DA)(DA)(DA)
(DA)(DA)(DG)(DG)(DG)(DC)
;
A,C
2 'polydeoxyribonucleotide'
;(DG)(DC)(DC)(DC)(DT)(DT)(DT)(DT)(DT)(DA)(DC)(DC)(DT)(DG)(DT)(DG)(DC)(DC)(DA)(DC)
(DG)(DC)(DC)(DC)(DA)(DC)
;
B,D
3 'polypeptide(L)'
;GPGSPHKCKECGKAFHTPSQLSHHQKLHVGEKPYKCQECGKAFPSNAQLSLHHRVHTDEKCFECKECGKAFMRPSHLLRH
QRIHTGEKPHKCKECGKAFRYDTQLSLHLLTHAGARRFECKDCDKVYSCASQLALHQMSHTGEKPHKCKECGKGFISDSH
LLRHQSVHTGETPYKCKECGKGFRRGSELARHQRAHSGDKPYKCKECGKSFTCTTELFRHQKVHTGDRPHKCKECGKAFI
RRSELTHHERSHSGEKPYECKECGKTFGRGSELSRHQKIHTGEK
;
E,F
#
# COMPACT_ATOMS: atom_id res chain seq x y z
N PRO E 5 -16.68 -16.28 -18.82
CA PRO E 5 -16.91 -17.38 -17.89
C PRO E 5 -16.70 -16.99 -16.43
N HIS E 6 -15.55 -17.39 -15.89
CA HIS E 6 -15.16 -17.03 -14.53
C HIS E 6 -13.65 -16.79 -14.52
N LYS E 7 -13.01 -17.06 -13.38
CA LYS E 7 -11.61 -16.71 -13.15
C LYS E 7 -10.71 -17.96 -13.13
N CYS E 8 -9.47 -17.77 -12.73
CA CYS E 8 -8.45 -18.81 -12.69
C CYS E 8 -8.26 -19.32 -11.26
N LYS E 9 -7.73 -20.54 -11.15
CA LYS E 9 -7.45 -21.09 -9.82
C LYS E 9 -6.14 -20.54 -9.28
N GLU E 10 -5.08 -20.57 -10.10
CA GLU E 10 -3.77 -20.10 -9.64
C GLU E 10 -3.76 -18.59 -9.45
N CYS E 11 -4.13 -17.83 -10.48
CA CYS E 11 -4.05 -16.38 -10.37
C CYS E 11 -5.37 -15.75 -9.91
N GLY E 12 -6.51 -16.23 -10.41
CA GLY E 12 -7.80 -15.74 -9.94
C GLY E 12 -8.37 -14.55 -10.66
N LYS E 13 -7.75 -14.13 -11.77
CA LYS E 13 -8.22 -12.96 -12.50
C LYS E 13 -9.44 -13.30 -13.34
N ALA E 14 -10.39 -12.36 -13.38
CA ALA E 14 -11.59 -12.55 -14.18
C ALA E 14 -11.22 -12.61 -15.67
N PHE E 15 -12.10 -13.22 -16.45
CA PHE E 15 -11.90 -13.31 -17.89
C PHE E 15 -13.22 -13.09 -18.61
N HIS E 16 -13.21 -12.16 -19.58
CA HIS E 16 -14.38 -11.94 -20.42
C HIS E 16 -14.79 -13.23 -21.11
N THR E 17 -13.86 -13.83 -21.85
CA THR E 17 -14.10 -14.99 -22.69
C THR E 17 -13.41 -16.22 -22.12
N PRO E 18 -13.87 -17.42 -22.49
CA PRO E 18 -13.13 -18.63 -22.08
C PRO E 18 -11.77 -18.71 -22.76
N SER E 19 -11.67 -18.26 -24.02
CA SER E 19 -10.39 -18.28 -24.75
C SER E 19 -9.37 -17.33 -24.13
N GLN E 20 -9.84 -16.31 -23.41
CA GLN E 20 -8.92 -15.42 -22.72
C GLN E 20 -8.36 -16.07 -21.46
N LEU E 21 -9.19 -16.83 -20.73
CA LEU E 21 -8.72 -17.55 -19.56
C LEU E 21 -7.75 -18.68 -19.91
N SER E 22 -7.97 -19.33 -21.07
CA SER E 22 -7.10 -20.44 -21.47
C SER E 22 -5.76 -19.93 -21.99
N HIS E 23 -5.78 -18.91 -22.87
CA HIS E 23 -4.54 -18.27 -23.31
C HIS E 23 -3.78 -17.60 -22.17
N HIS E 24 -4.43 -17.42 -21.01
CA HIS E 24 -3.81 -16.93 -19.80
C HIS E 24 -3.29 -18.05 -18.91
N GLN E 25 -4.05 -19.14 -18.75
CA GLN E 25 -3.58 -20.27 -17.97
C GLN E 25 -2.31 -20.86 -18.57
N LYS E 26 -2.11 -20.70 -19.88
CA LYS E 26 -0.89 -21.18 -20.53
C LYS E 26 0.36 -20.41 -20.08
N LEU E 27 0.18 -19.22 -19.50
CA LEU E 27 1.33 -18.50 -18.95
C LEU E 27 1.87 -19.16 -17.70
N HIS E 28 0.99 -19.77 -16.89
CA HIS E 28 1.46 -20.52 -15.73
C HIS E 28 2.38 -21.66 -16.14
N VAL E 29 2.17 -22.23 -17.34
CA VAL E 29 2.92 -23.41 -17.77
C VAL E 29 4.40 -23.11 -17.87
N GLY E 30 4.75 -21.92 -18.37
CA GLY E 30 6.16 -21.56 -18.46
C GLY E 30 6.80 -21.34 -17.10
N GLU E 31 6.01 -20.90 -16.11
CA GLU E 31 6.53 -20.60 -14.79
C GLU E 31 6.81 -21.84 -13.93
N LYS E 32 6.52 -23.05 -14.43
CA LYS E 32 6.58 -24.28 -13.65
C LYS E 32 7.36 -25.33 -14.43
N PRO E 33 8.69 -25.23 -14.47
CA PRO E 33 9.49 -26.15 -15.28
C PRO E 33 9.79 -27.49 -14.62
N TYR E 34 9.36 -27.72 -13.37
CA TYR E 34 9.70 -28.95 -12.65
C TYR E 34 8.49 -29.90 -12.70
N LYS E 35 8.50 -30.80 -13.69
CA LYS E 35 7.36 -31.65 -13.98
C LYS E 35 7.55 -33.04 -13.38
N CYS E 36 6.48 -33.56 -12.75
CA CYS E 36 6.52 -34.88 -12.16
C CYS E 36 6.60 -35.94 -13.25
N GLN E 37 7.66 -36.73 -13.24
CA GLN E 37 7.88 -37.75 -14.26
C GLN E 37 6.86 -38.88 -14.23
N GLU E 38 5.88 -38.84 -13.32
CA GLU E 38 4.92 -39.93 -13.20
C GLU E 38 3.48 -39.52 -13.50
N CYS E 39 3.07 -38.29 -13.18
CA CYS E 39 1.70 -37.85 -13.46
C CYS E 39 1.63 -36.54 -14.23
N GLY E 40 2.77 -35.93 -14.56
CA GLY E 40 2.81 -34.72 -15.35
C GLY E 40 2.71 -33.42 -14.56
N LYS E 41 2.20 -33.46 -13.33
CA LYS E 41 1.94 -32.22 -12.60
C LYS E 41 3.23 -31.42 -12.43
N ALA E 42 3.11 -30.10 -12.55
CA ALA E 42 4.27 -29.23 -12.69
C ALA E 42 4.31 -28.20 -11.58
N PHE E 43 5.52 -27.76 -11.25
CA PHE E 43 5.80 -26.97 -10.06
C PHE E 43 6.89 -25.97 -10.36
N PRO E 44 6.91 -24.82 -9.65
CA PRO E 44 7.90 -23.78 -9.93
C PRO E 44 9.27 -24.04 -9.34
N SER E 45 9.44 -25.06 -8.51
CA SER E 45 10.73 -25.33 -7.89
C SER E 45 10.87 -26.81 -7.61
N ASN E 46 12.11 -27.28 -7.61
CA ASN E 46 12.35 -28.69 -7.35
C ASN E 46 11.93 -29.05 -5.93
N ALA E 47 12.09 -28.12 -4.99
CA ALA E 47 11.60 -28.35 -3.63
C ALA E 47 10.12 -28.65 -3.62
N GLN E 48 9.33 -27.90 -4.39
CA GLN E 48 7.89 -28.12 -4.37
C GLN E 48 7.52 -29.41 -5.07
N LEU E 49 8.13 -29.69 -6.22
CA LEU E 49 7.96 -31.00 -6.82
C LEU E 49 8.22 -32.12 -5.81
N SER E 50 9.27 -31.97 -5.00
CA SER E 50 9.62 -33.00 -4.04
C SER E 50 8.51 -33.20 -3.01
N LEU E 51 7.80 -32.12 -2.66
CA LEU E 51 6.60 -32.26 -1.84
C LEU E 51 5.54 -33.10 -2.56
N HIS E 52 5.40 -32.92 -3.87
CA HIS E 52 4.42 -33.71 -4.61
C HIS E 52 4.85 -35.15 -4.78
N HIS E 53 6.17 -35.40 -4.84
CA HIS E 53 6.66 -36.76 -5.10
C HIS E 53 6.14 -37.77 -4.08
N ARG E 54 5.81 -37.30 -2.88
CA ARG E 54 5.37 -38.22 -1.83
C ARG E 54 4.09 -38.96 -2.18
N VAL E 55 3.30 -38.45 -3.12
CA VAL E 55 2.09 -39.19 -3.45
C VAL E 55 2.44 -40.48 -4.18
N HIS E 56 3.58 -40.53 -4.85
CA HIS E 56 4.03 -41.75 -5.50
C HIS E 56 4.87 -42.63 -4.59
N THR E 57 4.94 -42.32 -3.32
CA THR E 57 5.70 -43.19 -2.44
C THR E 57 4.77 -44.07 -1.67
N ASP E 58 5.22 -45.27 -1.40
CA ASP E 58 4.39 -46.20 -0.62
C ASP E 58 4.18 -45.69 0.80
N GLU E 59 5.09 -44.87 1.32
CA GLU E 59 4.90 -44.25 2.62
C GLU E 59 3.62 -43.43 2.64
N LYS E 60 2.95 -43.42 3.79
CA LYS E 60 1.76 -42.61 3.95
C LYS E 60 2.11 -41.12 3.82
N CYS E 61 1.17 -40.36 3.29
CA CYS E 61 1.27 -38.90 3.24
C CYS E 61 -0.14 -38.35 3.08
N PHE E 62 -0.24 -37.03 3.10
CA PHE E 62 -1.52 -36.36 3.10
C PHE E 62 -1.50 -35.28 2.03
N GLU E 63 -2.15 -35.57 0.90
CA GLU E 63 -2.08 -34.74 -0.28
C GLU E 63 -3.15 -33.67 -0.22
N CYS E 64 -2.80 -32.45 -0.61
CA CYS E 64 -3.82 -31.43 -0.85
C CYS E 64 -4.38 -31.60 -2.25
N LYS E 65 -5.70 -31.71 -2.34
CA LYS E 65 -6.34 -31.98 -3.62
C LYS E 65 -6.14 -30.82 -4.59
N GLU E 66 -5.97 -29.60 -4.08
CA GLU E 66 -6.08 -28.43 -4.95
C GLU E 66 -4.81 -28.16 -5.74
N CYS E 67 -3.64 -28.57 -5.25
CA CYS E 67 -2.41 -28.34 -5.98
C CYS E 67 -1.40 -29.49 -5.94
N GLY E 68 -1.74 -30.64 -5.39
CA GLY E 68 -0.94 -31.83 -5.60
C GLY E 68 0.32 -31.96 -4.76
N LYS E 69 0.48 -31.09 -3.78
CA LYS E 69 1.57 -31.16 -2.80
C LYS E 69 1.10 -32.05 -1.65
N ALA E 70 2.01 -32.71 -0.96
CA ALA E 70 1.62 -33.59 0.13
C ALA E 70 2.57 -33.40 1.30
N PHE E 71 2.11 -33.85 2.45
CA PHE E 71 2.81 -33.62 3.70
C PHE E 71 2.84 -34.93 4.48
N MET E 72 3.76 -35.00 5.44
CA MET E 72 3.95 -36.20 6.23
C MET E 72 3.04 -36.25 7.45
N ARG E 73 2.27 -35.20 7.69
CA ARG E 73 1.36 -35.19 8.83
C ARG E 73 0.07 -34.44 8.51
N PRO E 74 -1.07 -34.94 8.98
CA PRO E 74 -2.34 -34.27 8.65
C PRO E 74 -2.38 -32.83 9.08
N SER E 75 -1.87 -32.52 10.27
CA SER E 75 -1.81 -31.14 10.74
C SER E 75 -1.10 -30.22 9.74
N HIS E 76 -0.04 -30.72 9.10
CA HIS E 76 0.69 -29.90 8.14
C HIS E 76 -0.20 -29.56 6.95
N LEU E 77 -0.95 -30.54 6.47
CA LEU E 77 -1.76 -30.30 5.30
C LEU E 77 -2.87 -29.32 5.61
N LEU E 78 -3.56 -29.51 6.75
CA LEU E 78 -4.66 -28.62 7.10
C LEU E 78 -4.16 -27.19 7.26
N ARG E 79 -3.05 -26.98 7.99
CA ARG E 79 -2.49 -25.63 8.04
C ARG E 79 -2.22 -25.13 6.63
N HIS E 80 -1.64 -25.93 5.78
CA HIS E 80 -1.32 -25.48 4.45
C HIS E 80 -2.52 -25.04 3.66
N GLN E 81 -3.63 -25.72 3.86
CA GLN E 81 -4.80 -25.48 3.02
C GLN E 81 -5.37 -24.10 3.24
N ARG E 82 -5.01 -23.42 4.34
CA ARG E 82 -5.47 -22.04 4.54
C ARG E 82 -4.99 -21.10 3.44
N ILE E 83 -3.93 -21.45 2.73
CA ILE E 83 -3.55 -20.61 1.60
C ILE E 83 -4.67 -20.59 0.57
N HIS E 84 -5.41 -21.69 0.44
CA HIS E 84 -6.47 -21.77 -0.56
C HIS E 84 -7.82 -21.33 -0.03
N THR E 85 -8.12 -21.59 1.23
CA THR E 85 -9.39 -21.17 1.81
C THR E 85 -9.38 -19.74 2.29
N GLY E 86 -8.20 -19.16 2.55
CA GLY E 86 -8.15 -17.79 2.99
C GLY E 86 -8.57 -17.59 4.43
N GLU E 87 -8.62 -18.67 5.21
CA GLU E 87 -8.95 -18.56 6.61
C GLU E 87 -7.75 -17.99 7.38
N LYS E 88 -8.04 -17.14 8.36
CA LYS E 88 -7.03 -16.54 9.24
C LYS E 88 -7.42 -16.87 10.68
N PRO E 89 -7.12 -18.08 11.15
CA PRO E 89 -7.73 -18.55 12.40
C PRO E 89 -7.04 -18.06 13.66
N HIS E 90 -5.92 -17.33 13.57
CA HIS E 90 -5.19 -16.88 14.75
C HIS E 90 -5.43 -15.37 14.95
N LYS E 91 -6.26 -15.03 15.93
CA LYS E 91 -6.68 -13.66 16.17
C LYS E 91 -5.93 -13.06 17.35
N CYS E 92 -5.38 -11.86 17.15
CA CYS E 92 -4.72 -11.13 18.23
C CYS E 92 -5.73 -10.85 19.32
N LYS E 93 -5.53 -11.46 20.50
CA LYS E 93 -6.49 -11.29 21.58
C LYS E 93 -6.57 -9.85 22.07
N GLU E 94 -5.67 -8.98 21.63
CA GLU E 94 -5.65 -7.58 22.06
C GLU E 94 -6.26 -6.65 21.03
N CYS E 95 -5.64 -6.54 19.85
CA CYS E 95 -6.07 -5.60 18.82
C CYS E 95 -6.96 -6.23 17.74
N GLY E 96 -7.19 -7.55 17.79
CA GLY E 96 -8.16 -8.21 16.94
C GLY E 96 -7.68 -8.63 15.56
N LYS E 97 -6.62 -8.01 15.04
CA LYS E 97 -6.09 -8.38 13.72
C LYS E 97 -5.89 -9.89 13.64
N ALA E 98 -6.19 -10.46 12.47
CA ALA E 98 -6.22 -11.91 12.29
C ALA E 98 -5.12 -12.37 11.34
N PHE E 99 -4.53 -13.52 11.65
CA PHE E 99 -3.42 -14.05 10.87
C PHE E 99 -3.67 -15.50 10.47
N ARG E 100 -2.95 -15.93 9.43
CA ARG E 100 -3.11 -17.29 8.93
C ARG E 100 -2.33 -18.31 9.78
N TYR E 101 -1.20 -17.90 10.38
CA TYR E 101 -0.35 -18.84 11.12
C TYR E 101 -0.09 -18.37 12.54
N ASP E 102 0.13 -19.34 13.43
CA ASP E 102 0.53 -18.96 14.79
C ASP E 102 1.86 -18.24 14.79
N THR E 103 2.74 -18.58 13.86
CA THR E 103 4.03 -17.90 13.81
C THR E 103 3.87 -16.43 13.43
N GLN E 104 2.90 -16.13 12.61
CA GLN E 104 2.66 -14.77 12.27
C GLN E 104 2.11 -14.00 13.45
N LEU E 105 1.18 -14.57 14.21
CA LEU E 105 0.64 -13.86 15.37
C LEU E 105 1.71 -13.61 16.42
N SER E 106 2.59 -14.60 16.63
CA SER E 106 3.69 -14.46 17.58
C SER E 106 4.55 -13.25 17.24
N LEU E 107 4.99 -13.14 15.99
CA LEU E 107 5.75 -11.96 15.59
C LEU E 107 4.94 -10.69 15.83
N HIS E 108 3.67 -10.69 15.42
CA HIS E 108 2.84 -9.50 15.57
C HIS E 108 2.72 -9.06 17.03
N LEU E 109 2.79 -10.00 17.99
CA LEU E 109 2.60 -9.66 19.39
C LEU E 109 3.69 -8.74 19.94
N LEU E 110 4.86 -8.71 19.30
CA LEU E 110 5.92 -7.81 19.74
C LEU E 110 5.54 -6.33 19.57
N THR E 111 4.56 -6.04 18.73
CA THR E 111 4.09 -4.67 18.57
C THR E 111 3.23 -4.19 19.74
N HIS E 112 2.72 -5.11 20.54
CA HIS E 112 1.98 -4.77 21.75
C HIS E 112 2.88 -4.98 22.97
N ALA E 113 2.36 -4.58 24.13
CA ALA E 113 3.16 -4.67 25.34
C ALA E 113 3.12 -6.08 25.90
N GLY E 114 4.06 -6.36 26.79
CA GLY E 114 4.05 -7.60 27.54
C GLY E 114 4.41 -8.85 26.76
N ALA E 115 4.75 -8.74 25.49
CA ALA E 115 5.19 -9.91 24.75
C ALA E 115 6.50 -10.43 25.31
N ARG E 116 6.81 -11.69 25.01
CA ARG E 116 8.11 -12.24 25.34
C ARG E 116 9.07 -11.84 24.23
N ARG E 117 10.10 -11.06 24.57
CA ARG E 117 10.98 -10.43 23.59
C ARG E 117 12.34 -11.13 23.60
N PHE E 118 12.81 -11.51 22.42
CA PHE E 118 14.14 -12.07 22.24
C PHE E 118 15.00 -10.99 21.57
N GLU E 119 15.64 -10.17 22.40
CA GLU E 119 16.40 -9.01 21.93
C GLU E 119 17.81 -9.43 21.53
N CYS E 120 18.30 -8.89 20.42
CA CYS E 120 19.70 -9.10 20.06
C CYS E 120 20.61 -8.35 21.04
N LYS E 121 21.67 -9.02 21.48
CA LYS E 121 22.65 -8.33 22.33
C LYS E 121 23.33 -7.20 21.58
N ASP E 122 23.55 -7.37 20.27
CA ASP E 122 24.47 -6.51 19.52
C ASP E 122 23.81 -5.50 18.60
N CYS E 123 22.49 -5.51 18.46
CA CYS E 123 21.83 -4.49 17.62
C CYS E 123 20.41 -4.30 18.13
N ASP E 124 19.54 -3.71 17.30
CA ASP E 124 18.18 -3.39 17.71
C ASP E 124 17.14 -4.38 17.20
N LYS E 125 17.58 -5.45 16.53
CA LYS E 125 16.65 -6.50 16.12
C LYS E 125 16.06 -7.17 17.34
N VAL E 126 14.84 -7.70 17.18
CA VAL E 126 14.16 -8.43 18.23
C VAL E 126 13.26 -9.47 17.56
N TYR E 127 13.09 -10.60 18.22
CA TYR E 127 12.45 -11.77 17.63
C TYR E 127 11.51 -12.38 18.66
N SER E 128 10.70 -13.35 18.21
CA SER E 128 9.68 -13.94 19.07
C SER E 128 10.06 -15.29 19.67
N CYS E 129 11.19 -15.88 19.26
CA CYS E 129 11.62 -17.17 19.80
C CYS E 129 13.14 -17.27 19.65
N ALA E 130 13.72 -18.27 20.34
CA ALA E 130 15.18 -18.35 20.41
C ALA E 130 15.79 -18.78 19.09
N SER E 131 15.10 -19.63 18.33
CA SER E 131 15.70 -20.13 17.09
C SER E 131 15.92 -19.00 16.09
N GLN E 132 14.98 -18.07 16.03
CA GLN E 132 15.12 -16.90 15.15
C GLN E 132 16.25 -15.97 15.63
N LEU E 133 16.25 -15.64 16.90
CA LEU E 133 17.37 -14.88 17.47
C LEU E 133 18.68 -15.54 17.14
N ALA E 134 18.76 -16.85 17.34
CA ALA E 134 20.00 -17.57 17.11
C ALA E 134 20.42 -17.49 15.65
N LEU E 135 19.47 -17.61 14.73
CA LEU E 135 19.85 -17.53 13.33
C LEU E 135 20.36 -16.13 12.99
N HIS E 136 19.67 -15.10 13.49
CA HIS E 136 20.13 -13.73 13.29
C HIS E 136 21.53 -13.50 13.84
N GLN E 137 21.83 -14.07 15.02
CA GLN E 137 23.10 -13.81 15.67
C GLN E 137 24.28 -14.29 14.85
N MET E 138 24.04 -15.15 13.86
CA MET E 138 25.13 -15.54 12.96
C MET E 138 25.60 -14.36 12.13
N SER E 139 24.74 -13.39 11.86
CA SER E 139 25.17 -12.24 11.05
C SER E 139 26.17 -11.35 11.80
N HIS E 140 26.24 -11.46 13.13
CA HIS E 140 27.23 -10.69 13.88
C HIS E 140 28.57 -11.43 13.97
N THR E 141 28.55 -12.75 14.07
CA THR E 141 29.80 -13.49 14.05
C THR E 141 30.31 -13.75 12.64
N GLY E 142 29.48 -13.57 11.62
CA GLY E 142 29.91 -13.80 10.27
C GLY E 142 29.83 -15.24 9.81
N GLU E 143 29.15 -16.12 10.54
CA GLU E 143 29.11 -17.52 10.17
C GLU E 143 28.07 -17.74 9.10
N LYS E 144 28.48 -18.37 8.00
CA LYS E 144 27.61 -18.66 6.88
C LYS E 144 27.89 -20.13 6.56
N PRO E 145 27.10 -21.03 7.13
CA PRO E 145 27.46 -22.46 7.07
C PRO E 145 27.46 -23.04 5.67
N HIS E 146 26.64 -22.52 4.76
CA HIS E 146 26.46 -23.11 3.43
C HIS E 146 27.38 -22.42 2.43
N LYS E 147 28.49 -23.10 2.08
CA LYS E 147 29.58 -22.54 1.30
C LYS E 147 29.54 -23.03 -0.14
N CYS E 148 29.79 -22.10 -1.06
CA CYS E 148 29.80 -22.44 -2.48
C CYS E 148 31.12 -23.11 -2.86
N LYS E 149 31.03 -24.27 -3.52
CA LYS E 149 32.24 -25.02 -3.86
C LYS E 149 33.05 -24.32 -4.94
N GLU E 150 32.40 -23.57 -5.83
CA GLU E 150 33.11 -22.92 -6.93
C GLU E 150 33.78 -21.62 -6.49
N CYS E 151 33.06 -20.73 -5.79
CA CYS E 151 33.72 -19.47 -5.42
C CYS E 151 34.03 -19.35 -3.93
N GLY E 152 33.51 -20.23 -3.08
CA GLY E 152 33.75 -20.15 -1.66
C GLY E 152 32.78 -19.28 -0.89
N LYS E 153 31.93 -18.52 -1.56
CA LYS E 153 31.02 -17.62 -0.85
C LYS E 153 30.09 -18.40 0.07
N GLY E 154 29.76 -17.78 1.21
CA GLY E 154 28.94 -18.41 2.22
C GLY E 154 27.52 -17.88 2.26
N PHE E 155 26.59 -18.75 2.65
CA PHE E 155 25.18 -18.42 2.61
C PHE E 155 24.48 -18.90 3.85
N ILE E 156 23.38 -18.21 4.17
CA ILE E 156 22.61 -18.42 5.39
C ILE E 156 21.80 -19.71 5.37
N SER E 157 21.66 -20.33 4.20
CA SER E 157 20.79 -21.49 4.03
C SER E 157 21.19 -22.21 2.76
N ASP E 158 20.84 -23.48 2.68
CA ASP E 158 21.12 -24.21 1.44
C ASP E 158 20.24 -23.71 0.30
N SER E 159 19.07 -23.15 0.60
CA SER E 159 18.24 -22.52 -0.44
C SER E 159 18.96 -21.36 -1.11
N HIS E 160 19.52 -20.45 -0.30
CA HIS E 160 20.23 -19.32 -0.87
C HIS E 160 21.45 -19.78 -1.64
N LEU E 161 22.14 -20.79 -1.14
CA LEU E 161 23.29 -21.34 -1.84
C LEU E 161 22.87 -21.96 -3.17
N LEU E 162 21.76 -22.71 -3.17
CA LEU E 162 21.18 -23.20 -4.41
C LEU E 162 20.90 -22.07 -5.39
N ARG E 163 20.21 -21.02 -4.92
CA ARG E 163 19.80 -19.98 -5.84
C ARG E 163 21.02 -19.33 -6.48
N HIS E 164 22.08 -19.13 -5.70
CA HIS E 164 23.28 -18.45 -6.18
C HIS E 164 24.03 -19.23 -7.26
N GLN E 165 23.75 -20.52 -7.45
CA GLN E 165 24.47 -21.28 -8.46
C GLN E 165 24.19 -20.80 -9.87
N SER E 166 23.16 -19.98 -10.05
CA SER E 166 22.85 -19.46 -11.38
C SER E 166 24.01 -18.69 -11.98
N VAL E 167 24.86 -18.08 -11.14
CA VAL E 167 26.00 -17.35 -11.68
C VAL E 167 27.04 -18.29 -12.31
N HIS E 168 27.08 -19.53 -11.87
CA HIS E 168 28.03 -20.48 -12.43
C HIS E 168 27.43 -21.34 -13.52
N THR E 169 26.13 -21.64 -13.45
CA THR E 169 25.50 -22.54 -14.41
C THR E 169 24.87 -21.82 -15.59
N GLY E 170 24.37 -20.60 -15.39
CA GLY E 170 23.64 -19.91 -16.44
C GLY E 170 22.33 -20.56 -16.83
N GLU E 171 21.93 -21.61 -16.15
CA GLU E 171 20.69 -22.29 -16.47
C GLU E 171 19.50 -21.33 -16.51
N THR E 172 18.60 -21.55 -17.46
CA THR E 172 17.41 -20.71 -17.65
C THR E 172 16.20 -21.60 -17.86
N PRO E 173 15.66 -22.20 -16.80
CA PRO E 173 14.58 -23.18 -16.97
C PRO E 173 13.24 -22.57 -17.37
N TYR E 174 13.01 -21.29 -17.09
CA TYR E 174 11.70 -20.68 -17.28
C TYR E 174 11.61 -20.15 -18.72
N LYS E 175 10.86 -20.85 -19.57
CA LYS E 175 10.85 -20.58 -21.01
C LYS E 175 9.60 -19.80 -21.45
N CYS E 176 9.80 -18.84 -22.34
CA CYS E 176 8.71 -18.09 -22.94
C CYS E 176 8.18 -18.85 -24.17
N LYS E 177 6.88 -19.16 -24.14
CA LYS E 177 6.31 -19.91 -25.26
C LYS E 177 6.23 -19.07 -26.52
N GLU E 178 6.14 -17.73 -26.39
CA GLU E 178 5.96 -16.91 -27.59
C GLU E 178 7.28 -16.70 -28.33
N CYS E 179 8.36 -16.42 -27.61
CA CYS E 179 9.62 -16.10 -28.27
C CYS E 179 10.75 -17.10 -28.00
N GLY E 180 10.57 -18.02 -27.05
CA GLY E 180 11.52 -19.07 -26.81
C GLY E 180 12.60 -18.77 -25.78
N LYS E 181 12.80 -17.50 -25.41
CA LYS E 181 13.87 -17.14 -24.48
C LYS E 181 13.65 -17.77 -23.11
N GLY E 182 14.75 -18.02 -22.41
CA GLY E 182 14.72 -18.60 -21.07
C GLY E 182 15.21 -17.64 -20.01
N PHE E 183 14.82 -17.86 -18.77
CA PHE E 183 15.17 -16.96 -17.67
C PHE E 183 15.59 -17.78 -16.46
N ARG E 184 16.37 -17.14 -15.59
CA ARG E 184 16.84 -17.80 -14.38
C ARG E 184 15.76 -17.83 -13.31
N ARG E 185 14.85 -16.85 -13.30
CA ARG E 185 13.79 -16.79 -12.31
C ARG E 185 12.42 -16.71 -12.97
N GLY E 186 11.44 -17.37 -12.36
CA GLY E 186 10.08 -17.26 -12.86
C GLY E 186 9.56 -15.85 -12.85
N SER E 187 10.05 -15.01 -11.93
CA SER E 187 9.56 -13.65 -11.86
C SER E 187 10.03 -12.85 -13.06
N GLU E 188 11.18 -13.21 -13.64
CA GLU E 188 11.67 -12.50 -14.81
C GLU E 188 10.92 -12.94 -16.07
N LEU E 189 10.63 -14.24 -16.20
CA LEU E 189 9.73 -14.67 -17.25
C LEU E 189 8.39 -13.96 -17.13
N ALA E 190 7.87 -13.85 -15.91
CA ALA E 190 6.62 -13.12 -15.70
C ALA E 190 6.76 -11.68 -16.20
N ARG E 191 7.81 -10.98 -15.76
CA ARG E 191 8.06 -9.64 -16.28
C ARG E 191 8.17 -9.63 -17.80
N HIS E 192 8.93 -10.58 -18.36
CA HIS E 192 9.11 -10.64 -19.81
C HIS E 192 7.78 -10.79 -20.54
N GLN E 193 6.89 -11.64 -20.00
CA GLN E 193 5.61 -11.86 -20.64
C GLN E 193 4.70 -10.65 -20.50
N ARG E 194 4.85 -9.88 -19.42
CA ARG E 194 4.17 -8.60 -19.33
C ARG E 194 4.65 -7.65 -20.43
N ALA E 195 5.95 -7.69 -20.75
CA ALA E 195 6.50 -6.84 -21.79
C ALA E 195 5.92 -7.19 -23.16
N HIS E 196 5.75 -8.48 -23.43
CA HIS E 196 5.10 -8.93 -24.66
C HIS E 196 3.76 -8.23 -24.85
N SER E 197 2.91 -8.25 -23.83
CA SER E 197 1.56 -7.73 -23.96
C SER E 197 1.45 -6.24 -23.67
N GLY E 198 2.55 -5.56 -23.39
CA GLY E 198 2.48 -4.18 -22.95
C GLY E 198 1.78 -3.98 -21.63
N ASP E 199 1.81 -4.99 -20.75
CA ASP E 199 1.15 -4.95 -19.45
C ASP E 199 2.11 -4.28 -18.46
N LYS E 200 1.92 -2.98 -18.24
CA LYS E 200 2.79 -2.20 -17.35
C LYS E 200 2.00 -1.77 -16.12
N PRO E 201 2.03 -2.55 -15.04
CA PRO E 201 1.15 -2.28 -13.89
C PRO E 201 1.69 -1.30 -12.87
N TYR E 202 2.94 -0.87 -13.00
CA TYR E 202 3.57 -0.01 -12.00
C TYR E 202 3.75 1.38 -12.61
N LYS E 203 3.09 2.36 -12.00
CA LYS E 203 2.93 3.68 -12.58
C LYS E 203 3.61 4.72 -11.70
N CYS E 204 4.15 5.76 -12.34
CA CYS E 204 4.83 6.85 -11.65
C CYS E 204 3.85 8.00 -11.46
N LYS E 205 3.60 8.36 -10.20
CA LYS E 205 2.61 9.39 -9.89
C LYS E 205 2.96 10.73 -10.51
N GLU E 206 4.25 11.02 -10.69
CA GLU E 206 4.67 12.34 -11.13
C GLU E 206 4.39 12.56 -12.61
N CYS E 207 4.82 11.63 -13.47
CA CYS E 207 4.70 11.80 -14.91
C CYS E 207 3.72 10.84 -15.57
N GLY E 208 3.30 9.77 -14.89
CA GLY E 208 2.34 8.84 -15.42
C GLY E 208 2.91 7.66 -16.17
N LYS E 209 4.22 7.64 -16.44
CA LYS E 209 4.84 6.54 -17.17
C LYS E 209 4.63 5.24 -16.43
N SER E 210 4.37 4.17 -17.18
CA SER E 210 4.11 2.86 -16.62
C SER E 210 5.27 1.93 -16.94
N PHE E 211 5.51 0.97 -16.04
CA PHE E 211 6.58 0.01 -16.23
C PHE E 211 6.10 -1.39 -15.86
N THR E 212 6.84 -2.38 -16.35
CA THR E 212 6.49 -3.78 -16.19
C THR E 212 6.83 -4.34 -14.82
N CYS E 213 7.62 -3.63 -14.03
CA CYS E 213 8.15 -4.17 -12.78
C CYS E 213 8.59 -3.03 -11.88
N THR E 214 8.81 -3.36 -10.61
CA THR E 214 9.13 -2.37 -9.59
C THR E 214 10.51 -1.76 -9.80
N THR E 215 11.50 -2.57 -10.20
CA THR E 215 12.86 -2.02 -10.29
C THR E 215 12.98 -0.95 -11.37
N GLU E 216 12.30 -1.14 -12.51
CA GLU E 216 12.36 -0.12 -13.56
C GLU E 216 11.64 1.14 -13.12
N LEU E 217 10.51 0.99 -12.41
CA LEU E 217 9.82 2.17 -11.88
C LEU E 217 10.70 2.89 -10.86
N PHE E 218 11.34 2.13 -9.96
CA PHE E 218 12.13 2.75 -8.90
C PHE E 218 13.28 3.58 -9.46
N ARG E 219 14.09 3.02 -10.36
CA ARG E 219 15.20 3.80 -10.91
C ARG E 219 14.68 4.99 -11.69
N HIS E 220 13.58 4.81 -12.45
CA HIS E 220 13.01 5.94 -13.18
C HIS E 220 12.72 7.11 -12.25
N GLN E 221 12.13 6.84 -11.08
CA GLN E 221 11.71 7.92 -10.19
C GLN E 221 12.87 8.80 -9.73
N LYS E 222 14.09 8.25 -9.73
CA LYS E 222 15.24 9.06 -9.32
C LYS E 222 15.38 10.31 -10.16
N VAL E 223 14.93 10.28 -11.43
CA VAL E 223 15.00 11.49 -12.26
C VAL E 223 14.18 12.63 -11.64
N HIS E 224 13.01 12.31 -11.08
CA HIS E 224 12.21 13.33 -10.42
C HIS E 224 12.77 13.70 -9.04
N THR E 225 13.46 12.77 -8.39
CA THR E 225 13.85 12.92 -6.99
C THR E 225 15.16 13.68 -6.81
N GLY E 226 15.98 13.81 -7.85
CA GLY E 226 17.30 14.38 -7.71
C GLY E 226 18.30 13.50 -6.99
N ASP E 227 17.99 12.22 -6.80
CA ASP E 227 18.80 11.29 -6.01
C ASP E 227 19.95 10.78 -6.88
N ARG E 228 21.08 11.46 -6.82
CA ARG E 228 22.25 11.13 -7.63
C ARG E 228 23.44 10.81 -6.72
N PRO E 229 23.58 9.53 -6.28
CA PRO E 229 24.54 9.19 -5.23
C PRO E 229 26.01 9.14 -5.66
N HIS E 230 26.28 8.76 -6.89
CA HIS E 230 27.65 8.65 -7.35
C HIS E 230 28.22 9.98 -7.78
N LYS E 231 29.19 10.46 -7.02
CA LYS E 231 29.78 11.76 -7.28
C LYS E 231 31.23 11.62 -7.72
N CYS E 232 31.65 12.47 -8.64
CA CYS E 232 33.00 12.40 -9.22
C CYS E 232 33.96 13.19 -8.34
N LYS E 233 34.89 12.47 -7.69
CA LYS E 233 35.84 13.12 -6.81
C LYS E 233 36.63 14.22 -7.51
N GLU E 234 36.78 14.14 -8.84
CA GLU E 234 37.59 15.10 -9.58
C GLU E 234 36.85 16.41 -9.87
N CYS E 235 35.65 16.31 -10.45
CA CYS E 235 34.91 17.50 -10.86
C CYS E 235 33.60 17.69 -10.12
N GLY E 236 33.19 16.74 -9.28
CA GLY E 236 32.04 16.91 -8.42
C GLY E 236 30.70 16.56 -9.03
N LYS E 237 30.64 16.16 -10.29
CA LYS E 237 29.38 15.85 -10.94
C LYS E 237 28.80 14.55 -10.39
N ALA E 238 27.49 14.53 -10.21
CA ALA E 238 26.82 13.36 -9.66
C ALA E 238 26.00 12.66 -10.74
N PHE E 239 25.73 11.38 -10.49
CA PHE E 239 25.01 10.53 -11.42
C PHE E 239 24.06 9.62 -10.67
N ILE E 240 23.08 9.11 -11.40
CA ILE E 240 22.18 8.11 -10.82
C ILE E 240 22.88 6.77 -10.67
N ARG E 241 23.75 6.41 -11.60
CA ARG E 241 24.25 5.06 -11.65
C ARG E 241 25.77 4.99 -11.57
N ARG E 242 26.23 3.89 -10.99
CA ARG E 242 27.67 3.65 -10.84
C ARG E 242 28.35 3.60 -12.19
N SER E 243 27.69 3.09 -13.21
CA SER E 243 28.38 2.89 -14.47
C SER E 243 28.42 4.15 -15.33
N GLU E 244 27.58 5.15 -15.05
CA GLU E 244 27.78 6.45 -15.70
C GLU E 244 29.04 7.11 -15.16
N LEU E 245 29.20 7.11 -13.84
CA LEU E 245 30.42 7.65 -13.26
C LEU E 245 31.64 6.91 -13.82
N THR E 246 31.57 5.57 -13.84
CA THR E 246 32.60 4.76 -14.49
C THR E 246 32.91 5.26 -15.89
N HIS E 247 31.89 5.57 -16.67
CA HIS E 247 32.15 6.05 -18.01
C HIS E 247 32.63 7.46 -17.95
N HIS E 248 32.18 8.20 -16.94
CA HIS E 248 32.63 9.58 -16.79
C HIS E 248 34.11 9.64 -16.43
N GLU E 249 34.54 8.74 -15.57
CA GLU E 249 35.92 8.65 -15.18
C GLU E 249 36.80 8.50 -16.39
N ARG E 250 36.30 7.78 -17.38
CA ARG E 250 36.97 7.55 -18.66
C ARG E 250 37.10 8.81 -19.47
N SER E 251 36.10 9.66 -19.34
CA SER E 251 36.03 10.90 -20.05
C SER E 251 37.21 11.79 -19.66
N HIS E 252 37.74 11.55 -18.49
CA HIS E 252 38.85 12.34 -17.96
C HIS E 252 40.16 11.94 -18.62
N SER E 253 40.41 10.64 -18.76
CA SER E 253 41.59 10.14 -19.44
C SER E 253 41.48 10.22 -20.96
N GLY E 254 40.29 10.48 -21.48
CA GLY E 254 40.11 10.48 -22.92
C GLY E 254 40.22 9.12 -23.56
N GLU E 255 40.09 8.04 -22.80
CA GLU E 255 40.22 6.69 -23.36
C GLU E 255 38.93 6.32 -24.09
N LYS E 256 38.98 6.27 -25.43
CA LYS E 256 37.91 5.74 -26.26
C LYS E 256 38.21 4.28 -26.59
N PRO E 257 37.81 3.34 -25.72
CA PRO E 257 38.28 1.95 -25.85
C PRO E 257 37.56 1.15 -26.93
N TYR E 258 36.55 1.73 -27.59
CA TYR E 258 35.78 1.05 -28.63
C TYR E 258 36.11 1.70 -29.96
N GLU E 259 36.66 0.91 -30.90
CA GLU E 259 36.94 1.40 -32.24
C GLU E 259 36.18 0.56 -33.27
N CYS E 260 35.70 1.24 -34.30
CA CYS E 260 35.01 0.57 -35.40
C CYS E 260 36.01 -0.17 -36.27
N LYS E 261 35.76 -1.47 -36.49
CA LYS E 261 36.67 -2.26 -37.32
C LYS E 261 36.67 -1.78 -38.76
N GLU E 262 35.53 -1.26 -39.24
CA GLU E 262 35.41 -0.93 -40.65
C GLU E 262 36.03 0.43 -40.99
N CYS E 263 35.80 1.48 -40.20
CA CYS E 263 36.34 2.77 -40.60
C CYS E 263 37.32 3.37 -39.61
N GLY E 264 37.52 2.76 -38.44
CA GLY E 264 38.55 3.18 -37.52
C GLY E 264 38.14 4.22 -36.49
N LYS E 265 36.90 4.73 -36.55
CA LYS E 265 36.44 5.69 -35.56
C LYS E 265 36.38 5.06 -34.18
N THR E 266 36.51 5.90 -33.15
CA THR E 266 36.57 5.43 -31.76
C THR E 266 35.49 6.12 -30.92
N PHE E 267 35.06 5.43 -29.87
CA PHE E 267 33.90 5.83 -29.08
C PHE E 267 34.18 5.56 -27.60
N GLY E 268 33.47 6.31 -26.76
CA GLY E 268 33.61 6.19 -25.32
C GLY E 268 32.83 5.05 -24.71
N ARG E 269 31.61 4.81 -25.20
CA ARG E 269 30.77 3.73 -24.68
C ARG E 269 30.34 2.80 -25.79
N GLY E 270 30.15 1.54 -25.43
CA GLY E 270 29.86 0.52 -26.42
C GLY E 270 28.56 0.72 -27.16
N SER E 271 27.62 1.44 -26.57
CA SER E 271 26.37 1.66 -27.29
C SER E 271 26.48 2.75 -28.34
N GLU E 272 27.45 3.66 -28.25
CA GLU E 272 27.72 4.54 -29.40
C GLU E 272 28.39 3.78 -30.53
N LEU E 273 29.41 2.97 -30.21
CA LEU E 273 29.99 2.12 -31.24
C LEU E 273 28.94 1.21 -31.85
N SER E 274 28.09 0.62 -31.00
CA SER E 274 27.13 -0.34 -31.51
C SER E 274 26.12 0.34 -32.44
N ARG E 275 25.66 1.53 -32.06
CA ARG E 275 24.80 2.33 -32.93
C ARG E 275 25.53 2.72 -34.21
N HIS E 276 26.77 3.21 -34.07
CA HIS E 276 27.58 3.57 -35.23
C HIS E 276 27.67 2.43 -36.25
N GLN E 277 27.85 1.19 -35.79
CA GLN E 277 28.17 0.08 -36.70
C GLN E 277 26.98 -0.34 -37.57
N LYS E 278 25.77 0.07 -37.25
CA LYS E 278 24.66 -0.24 -38.14
C LYS E 278 24.60 0.71 -39.34
N ILE E 279 25.37 1.80 -39.33
CA ILE E 279 25.50 2.60 -40.55
C ILE E 279 26.13 1.76 -41.65
N HIS E 280 27.14 0.95 -41.31
CA HIS E 280 27.68 0.00 -42.27
C HIS E 280 26.64 -1.07 -42.62
N THR E 281 26.10 -1.74 -41.61
CA THR E 281 25.09 -2.79 -41.82
C THR E 281 23.68 -2.26 -41.60
N PRO F 5 -6.72 35.52 22.57
CA PRO F 5 -5.36 36.07 22.66
C PRO F 5 -4.45 35.64 21.50
N HIS F 6 -3.82 34.47 21.60
CA HIS F 6 -2.94 33.94 20.56
C HIS F 6 -3.49 32.61 20.08
N LYS F 7 -3.95 32.57 18.82
CA LYS F 7 -4.61 31.40 18.24
C LYS F 7 -3.63 30.60 17.40
N CYS F 8 -3.55 29.30 17.67
CA CYS F 8 -2.72 28.42 16.86
C CYS F 8 -3.19 28.42 15.41
N LYS F 9 -2.28 28.71 14.49
CA LYS F 9 -2.63 28.64 13.09
C LYS F 9 -2.99 27.21 12.69
N GLU F 10 -3.97 27.09 11.79
CA GLU F 10 -4.46 25.80 11.29
C GLU F 10 -5.28 25.05 12.32
N CYS F 11 -5.97 25.78 13.21
CA CYS F 11 -7.03 25.22 14.05
C CYS F 11 -7.77 26.33 14.79
N GLY F 12 -7.17 27.52 14.87
CA GLY F 12 -7.85 28.68 15.41
C GLY F 12 -8.29 28.57 16.86
N LYS F 13 -7.67 27.69 17.64
CA LYS F 13 -7.94 27.59 19.06
C LYS F 13 -6.90 28.42 19.80
N ALA F 14 -7.36 29.30 20.70
CA ALA F 14 -6.51 30.31 21.30
C ALA F 14 -6.34 30.07 22.80
N PHE F 15 -5.43 30.84 23.39
CA PHE F 15 -5.17 30.83 24.82
C PHE F 15 -4.35 32.06 25.18
N HIS F 16 -4.64 32.64 26.35
CA HIS F 16 -3.79 33.70 26.86
C HIS F 16 -2.45 33.16 27.35
N THR F 17 -2.41 31.93 27.90
CA THR F 17 -1.12 31.35 28.34
C THR F 17 -0.55 30.34 27.39
N PRO F 18 0.60 30.63 26.82
CA PRO F 18 1.25 29.63 25.96
C PRO F 18 1.36 28.24 26.58
N SER F 19 1.09 28.09 27.87
CA SER F 19 1.09 26.76 28.49
C SER F 19 -0.14 25.94 28.12
N GLN F 20 -1.24 26.61 27.78
CA GLN F 20 -2.39 25.97 27.15
C GLN F 20 -2.30 26.00 25.63
N LEU F 21 -1.23 26.57 25.08
CA LEU F 21 -1.04 26.75 23.63
C LEU F 21 0.18 26.02 23.09
N SER F 22 1.35 26.19 23.72
CA SER F 22 2.50 25.38 23.33
C SER F 22 2.26 23.92 23.63
N HIS F 23 1.67 23.62 24.79
CA HIS F 23 1.20 22.26 25.07
C HIS F 23 0.07 21.86 24.13
N HIS F 24 -0.58 22.83 23.47
CA HIS F 24 -1.48 22.52 22.37
C HIS F 24 -0.74 22.45 21.04
N GLN F 25 0.25 23.32 20.82
CA GLN F 25 1.00 23.30 19.57
C GLN F 25 1.68 21.95 19.34
N LYS F 26 2.04 21.26 20.43
CA LYS F 26 2.74 19.99 20.31
C LYS F 26 1.85 18.87 19.77
N LEU F 27 0.53 18.98 19.93
CA LEU F 27 -0.38 17.97 19.39
C LEU F 27 -0.27 17.84 17.88
N HIS F 28 0.10 18.93 17.20
CA HIS F 28 0.09 18.94 15.74
C HIS F 28 1.21 18.12 15.13
N VAL F 29 2.26 17.78 15.89
CA VAL F 29 3.40 17.12 15.27
C VAL F 29 3.02 15.71 14.84
N GLY F 30 2.20 15.01 15.64
CA GLY F 30 1.79 13.67 15.26
C GLY F 30 0.94 13.64 14.00
N GLU F 31 0.25 14.73 13.73
CA GLU F 31 -0.54 14.84 12.51
C GLU F 31 0.31 14.98 11.24
N LYS F 32 1.63 15.14 11.32
CA LYS F 32 2.44 15.47 10.15
C LYS F 32 3.58 14.47 9.99
N PRO F 33 3.27 13.24 9.56
CA PRO F 33 4.30 12.18 9.55
C PRO F 33 5.31 12.32 8.43
N TYR F 34 5.08 13.20 7.44
CA TYR F 34 5.90 13.22 6.22
C TYR F 34 6.94 14.35 6.34
N LYS F 35 8.19 13.96 6.60
CA LYS F 35 9.24 14.91 6.96
C LYS F 35 10.24 15.09 5.81
N CYS F 36 10.58 16.35 5.56
CA CYS F 36 11.65 16.69 4.64
C CYS F 36 12.97 16.19 5.20
N GLN F 37 13.66 15.38 4.41
CA GLN F 37 14.95 14.91 4.84
C GLN F 37 16.04 15.96 4.64
N GLU F 38 15.75 17.02 3.89
CA GLU F 38 16.77 18.04 3.76
C GLU F 38 16.71 19.08 4.87
N CYS F 39 15.52 19.56 5.27
CA CYS F 39 15.49 20.56 6.32
C CYS F 39 14.66 20.17 7.53
N GLY F 40 13.93 19.08 7.48
CA GLY F 40 13.20 18.60 8.63
C GLY F 40 11.73 18.98 8.67
N LYS F 41 11.27 19.90 7.82
CA LYS F 41 9.87 20.36 7.83
C LYS F 41 8.92 19.22 7.59
N ALA F 42 7.75 19.28 8.18
CA ALA F 42 6.88 18.12 8.20
C ALA F 42 5.48 18.50 7.76
N PHE F 43 4.82 17.58 7.06
CA PHE F 43 3.57 17.82 6.36
C PHE F 43 2.60 16.66 6.56
N PRO F 44 1.30 16.92 6.44
CA PRO F 44 0.31 15.86 6.71
C PRO F 44 0.24 14.80 5.60
N SER F 45 0.85 15.01 4.45
CA SER F 45 0.74 14.06 3.34
C SER F 45 1.98 14.12 2.46
N ASN F 46 2.18 13.05 1.69
CA ASN F 46 3.29 13.05 0.75
C ASN F 46 3.10 14.12 -0.33
N ALA F 47 1.85 14.31 -0.78
CA ALA F 47 1.60 15.34 -1.77
C ALA F 47 2.03 16.71 -1.27
N GLN F 48 1.73 17.03 -0.01
CA GLN F 48 2.15 18.33 0.50
CA GLN F 48 2.16 18.31 0.55
C GLN F 48 3.67 18.39 0.67
N LEU F 49 4.30 17.29 1.05
CA LEU F 49 5.75 17.34 1.15
C LEU F 49 6.38 17.62 -0.22
N SER F 50 5.80 17.05 -1.29
CA SER F 50 6.30 17.28 -2.64
C SER F 50 6.26 18.75 -3.04
N LEU F 51 5.24 19.48 -2.60
CA LEU F 51 5.22 20.92 -2.88
C LEU F 51 6.38 21.61 -2.18
N HIS F 52 6.68 21.22 -0.96
CA HIS F 52 7.83 21.76 -0.24
C HIS F 52 9.14 21.39 -0.89
N HIS F 53 9.23 20.18 -1.36
CA HIS F 53 10.51 19.70 -1.92
C HIS F 53 11.08 20.65 -2.96
N ARG F 54 10.20 21.38 -3.67
CA ARG F 54 10.66 22.32 -4.70
C ARG F 54 11.69 23.29 -4.14
N VAL F 55 11.55 23.67 -2.88
CA VAL F 55 12.46 24.64 -2.25
C VAL F 55 13.92 24.25 -2.39
N HIS F 56 14.22 22.95 -2.47
CA HIS F 56 15.60 22.49 -2.44
C HIS F 56 16.17 22.19 -3.82
N THR F 57 15.35 22.20 -4.88
CA THR F 57 15.91 22.02 -6.22
C THR F 57 16.46 23.33 -6.76
N ASP F 58 17.41 23.22 -7.70
CA ASP F 58 17.96 24.41 -8.34
C ASP F 58 16.92 25.12 -9.21
N GLU F 59 15.86 24.42 -9.61
CA GLU F 59 14.79 25.03 -10.38
C GLU F 59 14.12 26.15 -9.59
N LYS F 60 13.63 27.15 -10.31
CA LYS F 60 12.95 28.26 -9.65
C LYS F 60 11.63 27.80 -9.07
N CYS F 61 11.32 28.28 -7.87
CA CYS F 61 10.03 28.08 -7.25
C CYS F 61 9.70 29.31 -6.42
N PHE F 62 8.47 29.37 -5.94
CA PHE F 62 7.96 30.53 -5.22
C PHE F 62 7.34 30.07 -3.91
N GLU F 63 8.05 30.34 -2.81
CA GLU F 63 7.84 29.65 -1.53
C GLU F 63 6.95 30.43 -0.59
N CYS F 64 6.01 29.72 0.02
CA CYS F 64 5.21 30.31 1.08
C CYS F 64 6.04 30.29 2.36
N LYS F 65 6.35 31.47 2.90
CA LYS F 65 7.09 31.50 4.15
C LYS F 65 6.24 31.11 5.35
N GLU F 66 4.91 31.20 5.23
CA GLU F 66 4.09 30.79 6.36
C GLU F 66 4.12 29.29 6.55
N CYS F 67 4.06 28.51 5.47
CA CYS F 67 3.90 27.07 5.62
C CYS F 67 4.95 26.23 4.91
N GLY F 68 5.91 26.84 4.20
CA GLY F 68 6.94 26.09 3.54
C GLY F 68 6.55 25.37 2.26
N LYS F 69 5.30 25.44 1.82
CA LYS F 69 4.99 24.91 0.50
C LYS F 69 5.48 25.89 -0.55
N ALA F 70 5.71 25.39 -1.77
CA ALA F 70 6.15 26.27 -2.85
C ALA F 70 5.48 25.91 -4.17
N PHE F 71 5.49 26.86 -5.10
CA PHE F 71 4.76 26.74 -6.36
C PHE F 71 5.65 27.18 -7.51
N MET F 72 5.24 26.83 -8.72
CA MET F 72 6.00 27.11 -9.92
C MET F 72 5.67 28.47 -10.53
N ARG F 73 4.68 29.18 -10.01
CA ARG F 73 4.31 30.51 -10.48
C ARG F 73 4.05 31.44 -9.31
N PRO F 74 4.39 32.72 -9.46
CA PRO F 74 4.03 33.70 -8.42
C PRO F 74 2.54 33.71 -8.14
N SER F 75 1.72 33.67 -9.20
CA SER F 75 0.26 33.70 -9.04
C SER F 75 -0.22 32.53 -8.19
N HIS F 76 0.26 31.31 -8.46
CA HIS F 76 -0.12 30.18 -7.62
C HIS F 76 0.17 30.46 -6.16
N LEU F 77 1.33 31.08 -5.89
CA LEU F 77 1.71 31.40 -4.53
C LEU F 77 0.78 32.46 -3.94
N LEU F 78 0.52 33.53 -4.70
CA LEU F 78 -0.35 34.59 -4.21
C LEU F 78 -1.75 34.07 -3.90
N ARG F 79 -2.26 33.18 -4.75
CA ARG F 79 -3.57 32.62 -4.47
C ARG F 79 -3.53 31.78 -3.19
N HIS F 80 -2.52 30.95 -3.04
CA HIS F 80 -2.40 30.08 -1.88
C HIS F 80 -2.35 30.86 -0.60
N GLN F 81 -1.63 31.95 -0.61
CA GLN F 81 -1.46 32.72 0.63
C GLN F 81 -2.77 33.25 1.20
N ARG F 82 -3.84 33.32 0.41
CA ARG F 82 -5.13 33.74 0.97
C ARG F 82 -5.61 32.81 2.07
N ILE F 83 -5.23 31.54 2.02
CA ILE F 83 -5.52 30.61 3.11
C ILE F 83 -5.03 31.19 4.42
N HIS F 84 -3.87 31.84 4.39
CA HIS F 84 -3.27 32.40 5.59
C HIS F 84 -3.78 33.81 5.90
N THR F 85 -4.08 34.62 4.89
CA THR F 85 -4.49 35.99 5.18
C THR F 85 -5.98 36.13 5.41
N GLY F 86 -6.78 35.20 4.93
CA GLY F 86 -8.21 35.35 5.03
C GLY F 86 -8.83 36.28 4.01
N GLU F 87 -8.06 36.75 3.03
CA GLU F 87 -8.63 37.56 1.98
C GLU F 87 -9.62 36.74 1.15
N LYS F 88 -10.79 37.34 0.87
CA LYS F 88 -11.81 36.73 0.03
C LYS F 88 -12.21 37.75 -1.03
N PRO F 89 -11.46 37.81 -2.14
CA PRO F 89 -11.55 38.96 -3.05
C PRO F 89 -12.49 38.77 -4.24
N HIS F 90 -13.09 37.60 -4.39
CA HIS F 90 -14.01 37.31 -5.48
C HIS F 90 -15.42 37.40 -4.90
N LYS F 91 -16.12 38.49 -5.20
CA LYS F 91 -17.39 38.78 -4.55
C LYS F 91 -18.52 38.66 -5.56
N CYS F 92 -19.59 37.97 -5.17
CA CYS F 92 -20.74 37.78 -6.04
C CYS F 92 -21.43 39.11 -6.31
N LYS F 93 -21.48 39.52 -7.58
CA LYS F 93 -22.06 40.80 -7.94
C LYS F 93 -23.54 40.86 -7.61
N GLU F 94 -24.20 39.70 -7.49
CA GLU F 94 -25.63 39.66 -7.31
C GLU F 94 -26.03 39.71 -5.84
N CYS F 95 -25.41 38.86 -5.00
CA CYS F 95 -25.81 38.78 -3.59
C CYS F 95 -24.79 39.32 -2.60
N GLY F 96 -23.52 39.46 -3.00
CA GLY F 96 -22.52 40.11 -2.17
C GLY F 96 -21.58 39.15 -1.46
N LYS F 97 -21.84 37.85 -1.49
CA LYS F 97 -21.03 36.91 -0.75
C LYS F 97 -19.60 36.86 -1.30
N ALA F 98 -18.63 36.85 -0.40
CA ALA F 98 -17.22 36.89 -0.74
C ALA F 98 -16.62 35.49 -0.73
N PHE F 99 -15.73 35.22 -1.68
CA PHE F 99 -15.09 33.92 -1.83
C PHE F 99 -13.59 34.08 -1.97
N ARG F 100 -12.88 33.01 -1.61
CA ARG F 100 -11.43 32.97 -1.65
C ARG F 100 -10.91 32.82 -3.08
N TYR F 101 -11.61 32.06 -3.92
CA TYR F 101 -11.15 31.72 -5.27
C TYR F 101 -12.23 31.98 -6.31
N ASP F 102 -11.79 32.29 -7.54
CA ASP F 102 -12.74 32.49 -8.63
C ASP F 102 -13.52 31.22 -8.91
N THR F 103 -12.92 30.06 -8.65
CA THR F 103 -13.59 28.80 -8.91
C THR F 103 -14.74 28.61 -7.95
N GLN F 104 -14.61 29.11 -6.72
CA GLN F 104 -15.72 29.05 -5.78
C GLN F 104 -16.85 29.97 -6.22
N LEU F 105 -16.53 31.20 -6.61
CA LEU F 105 -17.59 32.09 -7.07
C LEU F 105 -18.27 31.53 -8.30
N SER F 106 -17.51 30.97 -9.24
CA SER F 106 -18.12 30.35 -10.42
C SER F 106 -19.21 29.36 -10.06
N LEU F 107 -18.93 28.42 -9.15
CA LEU F 107 -19.94 27.44 -8.78
C LEU F 107 -21.12 28.11 -8.11
N HIS F 108 -20.84 29.13 -7.31
CA HIS F 108 -21.87 29.83 -6.58
C HIS F 108 -22.89 30.45 -7.53
N LEU F 109 -22.45 30.97 -8.66
CA LEU F 109 -23.35 31.66 -9.60
C LEU F 109 -24.48 30.76 -10.07
N LEU F 110 -24.30 29.44 -10.01
CA LEU F 110 -25.37 28.51 -10.37
C LEU F 110 -26.58 28.63 -9.44
N THR F 111 -26.43 29.25 -8.27
CA THR F 111 -27.58 29.42 -7.39
C THR F 111 -28.41 30.63 -7.75
N HIS F 112 -28.00 31.39 -8.76
CA HIS F 112 -28.74 32.55 -9.27
C HIS F 112 -29.11 32.27 -10.70
N ALA F 113 -30.18 32.94 -11.16
CA ALA F 113 -30.60 32.84 -12.54
C ALA F 113 -29.50 33.32 -13.49
N GLY F 114 -29.59 32.87 -14.74
CA GLY F 114 -28.74 33.42 -15.79
C GLY F 114 -27.28 33.04 -15.76
N ALA F 115 -26.92 31.91 -15.15
CA ALA F 115 -25.55 31.42 -15.22
C ALA F 115 -25.33 30.61 -16.50
N ARG F 116 -24.08 30.47 -16.90
CA ARG F 116 -23.74 29.45 -17.89
C ARG F 116 -23.77 28.08 -17.21
N ARG F 117 -24.66 27.21 -17.65
CA ARG F 117 -25.02 26.00 -16.91
C ARG F 117 -24.60 24.79 -17.73
N PHE F 118 -23.81 23.92 -17.13
CA PHE F 118 -23.42 22.66 -17.74
C PHE F 118 -24.26 21.56 -17.08
N GLU F 119 -25.47 21.39 -17.59
CA GLU F 119 -26.43 20.44 -17.08
C GLU F 119 -26.08 19.02 -17.50
N CYS F 120 -26.17 18.07 -16.57
CA CYS F 120 -26.03 16.67 -16.95
C CYS F 120 -27.25 16.19 -17.69
N LYS F 121 -27.03 15.40 -18.74
CA LYS F 121 -28.17 14.90 -19.48
C LYS F 121 -28.95 13.86 -18.69
N ASP F 122 -28.27 13.13 -17.79
CA ASP F 122 -28.82 11.91 -17.20
C ASP F 122 -29.28 12.04 -15.76
N CYS F 123 -28.94 13.12 -15.06
CA CYS F 123 -29.46 13.35 -13.71
C CYS F 123 -29.73 14.84 -13.59
N ASP F 124 -30.02 15.30 -12.38
CA ASP F 124 -30.29 16.72 -12.19
C ASP F 124 -29.05 17.52 -11.84
N LYS F 125 -27.88 16.90 -11.79
CA LYS F 125 -26.71 17.70 -11.40
C LYS F 125 -26.37 18.73 -12.47
N VAL F 126 -25.78 19.85 -12.03
CA VAL F 126 -25.37 20.94 -12.91
C VAL F 126 -24.01 21.46 -12.46
N TYR F 127 -23.17 21.86 -13.41
CA TYR F 127 -21.80 22.29 -13.14
C TYR F 127 -21.52 23.62 -13.83
N SER F 128 -20.41 24.24 -13.45
CA SER F 128 -20.05 25.55 -13.94
C SER F 128 -19.08 25.53 -15.13
N CYS F 129 -18.49 24.38 -15.47
CA CYS F 129 -17.61 24.31 -16.62
C CYS F 129 -17.62 22.88 -17.16
N ALA F 130 -17.06 22.70 -18.36
CA ALA F 130 -17.18 21.41 -19.03
C ALA F 130 -16.36 20.32 -18.36
N SER F 131 -15.20 20.66 -17.81
CA SER F 131 -14.35 19.63 -17.21
C SER F 131 -15.04 18.96 -16.04
N GLN F 132 -15.75 19.74 -15.21
CA GLN F 132 -16.46 19.14 -14.08
C GLN F 132 -17.60 18.24 -14.56
N LEU F 133 -18.38 18.70 -15.52
CA LEU F 133 -19.47 17.87 -16.01
C LEU F 133 -18.90 16.58 -16.58
N ALA F 134 -17.77 16.67 -17.28
CA ALA F 134 -17.19 15.47 -17.87
C ALA F 134 -16.77 14.47 -16.79
N LEU F 135 -16.21 14.96 -15.68
CA LEU F 135 -15.85 14.05 -14.59
C LEU F 135 -17.07 13.39 -14.00
N HIS F 136 -18.16 14.14 -13.85
CA HIS F 136 -19.40 13.59 -13.30
C HIS F 136 -19.96 12.51 -14.17
N GLN F 137 -19.86 12.68 -15.47
CA GLN F 137 -20.47 11.70 -16.36
C GLN F 137 -19.85 10.32 -16.22
N MET F 138 -18.62 10.24 -15.70
CA MET F 138 -18.01 8.93 -15.46
C MET F 138 -18.88 8.06 -14.57
N SER F 139 -19.65 8.67 -13.68
CA SER F 139 -20.49 7.90 -12.79
C SER F 139 -21.74 7.33 -13.47
N HIS F 140 -22.13 7.85 -14.63
CA HIS F 140 -23.22 7.20 -15.35
C HIS F 140 -22.73 6.04 -16.20
N THR F 141 -21.50 6.11 -16.69
CA THR F 141 -20.95 5.00 -17.45
C THR F 141 -20.19 4.00 -16.59
N GLY F 142 -19.92 4.35 -15.33
CA GLY F 142 -19.20 3.45 -14.45
C GLY F 142 -17.72 3.35 -14.71
N GLU F 143 -17.14 4.30 -15.46
CA GLU F 143 -15.71 4.26 -15.75
C GLU F 143 -14.95 4.90 -14.59
N LYS F 144 -14.19 4.09 -13.89
CA LYS F 144 -13.32 4.56 -12.81
C LYS F 144 -11.91 4.23 -13.27
N PRO F 145 -11.16 5.21 -13.79
CA PRO F 145 -9.92 4.87 -14.51
C PRO F 145 -8.82 4.35 -13.59
N HIS F 146 -8.85 4.70 -12.31
CA HIS F 146 -7.74 4.38 -11.40
C HIS F 146 -8.06 3.07 -10.68
N LYS F 147 -7.44 1.98 -11.14
CA LYS F 147 -7.75 0.63 -10.67
C LYS F 147 -6.71 0.10 -9.70
N CYS F 148 -7.17 -0.53 -8.63
CA CYS F 148 -6.29 -1.10 -7.62
C CYS F 148 -5.62 -2.36 -8.15
N LYS F 149 -4.28 -2.37 -8.18
CA LYS F 149 -3.56 -3.57 -8.58
C LYS F 149 -4.06 -4.80 -7.84
N GLU F 150 -4.18 -4.70 -6.52
CA GLU F 150 -4.37 -5.87 -5.69
C GLU F 150 -5.79 -6.40 -5.66
N CYS F 151 -6.81 -5.56 -5.89
CA CYS F 151 -8.18 -6.03 -5.87
C CYS F 151 -9.02 -5.65 -7.08
N GLY F 152 -8.54 -4.76 -7.95
CA GLY F 152 -9.28 -4.40 -9.15
C GLY F 152 -10.32 -3.31 -8.96
N LYS F 153 -10.58 -2.85 -7.73
CA LYS F 153 -11.58 -1.83 -7.53
C LYS F 153 -11.14 -0.53 -8.19
N GLY F 154 -12.07 0.13 -8.87
CA GLY F 154 -11.77 1.34 -9.61
C GLY F 154 -12.17 2.61 -8.87
N PHE F 155 -11.38 3.66 -9.04
CA PHE F 155 -11.60 4.90 -8.35
C PHE F 155 -11.54 6.06 -9.34
N ILE F 156 -12.02 7.22 -8.91
CA ILE F 156 -12.12 8.36 -9.82
C ILE F 156 -10.87 9.20 -9.83
N SER F 157 -9.93 8.98 -8.91
CA SER F 157 -8.69 9.74 -8.90
C SER F 157 -7.59 8.91 -8.31
N ASP F 158 -6.35 9.26 -8.65
CA ASP F 158 -5.22 8.59 -8.03
C ASP F 158 -5.23 8.78 -6.52
N SER F 159 -5.66 9.95 -6.03
CA SER F 159 -5.67 10.18 -4.59
C SER F 159 -6.61 9.21 -3.88
N HIS F 160 -7.77 8.94 -4.48
CA HIS F 160 -8.71 7.99 -3.88
C HIS F 160 -8.17 6.57 -3.95
N LEU F 161 -7.55 6.21 -5.07
CA LEU F 161 -6.88 4.91 -5.15
C LEU F 161 -5.80 4.80 -4.08
N LEU F 162 -4.98 5.84 -3.94
CA LEU F 162 -3.94 5.82 -2.92
C LEU F 162 -4.53 5.63 -1.52
N ARG F 163 -5.56 6.39 -1.17
CA ARG F 163 -6.02 6.31 0.21
C ARG F 163 -6.66 4.96 0.48
N HIS F 164 -7.28 4.36 -0.54
CA HIS F 164 -7.82 3.00 -0.43
C HIS F 164 -6.76 1.97 -0.06
N GLN F 165 -5.50 2.20 -0.42
CA GLN F 165 -4.47 1.18 -0.16
C GLN F 165 -4.36 0.80 1.31
N SER F 166 -4.95 1.58 2.23
CA SER F 166 -4.89 1.19 3.63
C SER F 166 -5.55 -0.17 3.87
N VAL F 167 -6.48 -0.60 3.02
CA VAL F 167 -7.13 -1.89 3.21
C VAL F 167 -6.18 -3.03 2.90
N HIS F 168 -5.10 -2.76 2.18
CA HIS F 168 -4.17 -3.82 1.85
C HIS F 168 -2.88 -3.76 2.63
N THR F 169 -2.47 -2.56 3.08
CA THR F 169 -1.21 -2.37 3.76
C THR F 169 -1.33 -2.28 5.29
N GLY F 170 -2.44 -1.78 5.81
CA GLY F 170 -2.55 -1.62 7.26
C GLY F 170 -1.69 -0.54 7.88
N GLU F 171 -0.94 0.22 7.08
CA GLU F 171 -0.02 1.19 7.64
C GLU F 171 -0.76 2.22 8.50
N THR F 172 -0.12 2.65 9.58
CA THR F 172 -0.72 3.61 10.50
C THR F 172 0.25 4.73 10.80
N PRO F 173 0.44 5.66 9.85
CA PRO F 173 1.56 6.61 9.99
C PRO F 173 1.32 7.69 11.04
N TYR F 174 0.10 7.88 11.52
CA TYR F 174 -0.19 8.93 12.48
C TYR F 174 -0.20 8.34 13.90
N LYS F 175 0.85 8.62 14.67
CA LYS F 175 1.12 7.99 15.96
C LYS F 175 0.76 8.91 17.14
N CYS F 176 0.14 8.33 18.17
CA CYS F 176 -0.20 9.05 19.39
C CYS F 176 1.02 9.27 20.28
N LYS F 177 1.24 10.52 20.68
CA LYS F 177 2.38 10.83 21.54
C LYS F 177 2.26 10.18 22.92
N GLU F 178 1.03 9.99 23.42
CA GLU F 178 0.86 9.45 24.77
C GLU F 178 1.01 7.93 24.78
N CYS F 179 0.11 7.21 24.12
CA CYS F 179 0.05 5.76 24.29
C CYS F 179 0.76 4.99 23.18
N GLY F 180 1.20 5.65 22.10
CA GLY F 180 1.95 4.96 21.06
C GLY F 180 1.13 4.29 19.97
N LYS F 181 -0.19 4.34 20.04
CA LYS F 181 -1.00 3.69 19.02
C LYS F 181 -0.96 4.47 17.71
N GLY F 182 -1.06 3.74 16.60
CA GLY F 182 -0.98 4.31 15.27
C GLY F 182 -2.33 4.28 14.58
N PHE F 183 -2.53 5.22 13.65
CA PHE F 183 -3.81 5.38 12.98
C PHE F 183 -3.59 5.61 11.49
N ARG F 184 -4.59 5.23 10.70
CA ARG F 184 -4.47 5.32 9.26
C ARG F 184 -4.71 6.72 8.73
N ARG F 185 -5.43 7.58 9.47
CA ARG F 185 -5.65 8.96 9.03
C ARG F 185 -5.45 9.91 10.19
N GLY F 186 -5.02 11.13 9.84
CA GLY F 186 -4.75 12.13 10.86
C GLY F 186 -5.98 12.53 11.64
N SER F 187 -7.15 12.50 11.00
CA SER F 187 -8.38 12.88 11.68
C SER F 187 -8.72 11.90 12.80
N GLU F 188 -8.37 10.62 12.62
CA GLU F 188 -8.64 9.63 13.65
C GLU F 188 -7.65 9.73 14.80
N LEU F 189 -6.40 10.12 14.52
CA LEU F 189 -5.49 10.41 15.61
C LEU F 189 -5.99 11.59 16.43
N ALA F 190 -6.50 12.62 15.77
CA ALA F 190 -7.00 13.78 16.48
C ALA F 190 -8.18 13.42 17.36
N ARG F 191 -9.11 12.61 16.83
CA ARG F 191 -10.21 12.18 17.68
C ARG F 191 -9.69 11.32 18.85
N HIS F 192 -8.74 10.42 18.57
CA HIS F 192 -8.11 9.64 19.64
C HIS F 192 -7.54 10.55 20.72
N GLN F 193 -6.81 11.59 20.31
CA GLN F 193 -6.14 12.44 21.29
C GLN F 193 -7.14 13.28 22.07
N ARG F 194 -8.21 13.75 21.41
CA ARG F 194 -9.33 14.33 22.16
C ARG F 194 -9.89 13.34 23.18
N ALA F 195 -9.95 12.04 22.83
CA ALA F 195 -10.48 11.06 23.77
C ALA F 195 -9.61 10.97 25.01
N HIS F 196 -8.28 11.02 24.85
CA HIS F 196 -7.39 11.04 26.00
C HIS F 196 -7.76 12.15 26.99
N SER F 197 -8.11 13.33 26.48
CA SER F 197 -8.32 14.48 27.34
C SER F 197 -9.78 14.67 27.76
N GLY F 198 -10.68 13.77 27.37
CA GLY F 198 -12.09 14.01 27.61
C GLY F 198 -12.65 15.18 26.84
N ASP F 199 -12.03 15.52 25.71
CA ASP F 199 -12.42 16.65 24.86
C ASP F 199 -13.54 16.18 23.93
N LYS F 200 -14.79 16.33 24.39
CA LYS F 200 -15.97 15.90 23.64
C LYS F 200 -16.76 17.12 23.19
N PRO F 201 -16.39 17.76 22.08
CA PRO F 201 -17.00 19.03 21.69
C PRO F 201 -18.20 18.93 20.75
N TYR F 202 -18.76 17.74 20.55
CA TYR F 202 -19.92 17.56 19.69
C TYR F 202 -21.10 17.15 20.57
N LYS F 203 -21.93 18.12 20.94
CA LYS F 203 -23.02 17.90 21.89
C LYS F 203 -24.32 17.65 21.15
N CYS F 204 -25.15 16.77 21.72
CA CYS F 204 -26.49 16.50 21.22
C CYS F 204 -27.48 17.41 21.92
N LYS F 205 -28.14 18.28 21.16
CA LYS F 205 -29.13 19.18 21.74
C LYS F 205 -30.28 18.45 22.41
N GLU F 206 -30.52 17.17 22.06
CA GLU F 206 -31.77 16.52 22.49
C GLU F 206 -31.68 16.00 23.93
N CYS F 207 -30.59 15.31 24.27
CA CYS F 207 -30.43 14.74 25.60
C CYS F 207 -29.20 15.25 26.36
N GLY F 208 -28.25 15.88 25.67
CA GLY F 208 -27.12 16.55 26.31
C GLY F 208 -25.79 15.85 26.13
N LYS F 209 -25.80 14.53 25.92
CA LYS F 209 -24.55 13.78 25.86
C LYS F 209 -23.66 14.34 24.77
N SER F 210 -22.36 14.41 25.05
CA SER F 210 -21.39 14.95 24.10
C SER F 210 -20.40 13.86 23.69
N PHE F 211 -19.86 14.01 22.49
CA PHE F 211 -19.00 12.99 21.91
C PHE F 211 -17.81 13.62 21.22
N THR F 212 -16.77 12.82 21.03
CA THR F 212 -15.50 13.24 20.45
C THR F 212 -15.45 13.50 18.96
N CYS F 213 -16.48 13.10 18.23
CA CYS F 213 -16.46 13.24 16.78
C CYS F 213 -17.88 13.15 16.24
N THR F 214 -18.01 13.40 14.94
CA THR F 214 -19.36 13.54 14.39
C THR F 214 -20.05 12.20 14.19
N THR F 215 -19.32 11.17 13.76
CA THR F 215 -20.00 9.90 13.51
C THR F 215 -20.63 9.34 14.78
N GLU F 216 -19.94 9.46 15.91
CA GLU F 216 -20.48 8.89 17.15
C GLU F 216 -21.67 9.69 17.65
N LEU F 217 -21.67 11.00 17.43
CA LEU F 217 -22.87 11.75 17.77
C LEU F 217 -24.00 11.39 16.83
N PHE F 218 -23.71 11.30 15.53
CA PHE F 218 -24.75 11.10 14.53
C PHE F 218 -25.54 9.83 14.80
N ARG F 219 -24.84 8.71 14.99
CA ARG F 219 -25.62 7.49 15.15
C ARG F 219 -26.23 7.36 16.53
N HIS F 220 -25.65 8.01 17.55
CA HIS F 220 -26.34 8.13 18.82
C HIS F 220 -27.72 8.76 18.62
N GLN F 221 -27.77 9.82 17.81
CA GLN F 221 -29.03 10.53 17.62
C GLN F 221 -30.13 9.65 17.06
N LYS F 222 -29.78 8.54 16.42
CA LYS F 222 -30.81 7.68 15.85
C LYS F 222 -31.75 7.11 16.91
N VAL F 223 -31.40 7.16 18.19
CA VAL F 223 -32.35 6.68 19.20
C VAL F 223 -33.44 7.70 19.44
N HIS F 224 -33.09 8.99 19.50
CA HIS F 224 -34.08 10.02 19.71
C HIS F 224 -35.07 10.07 18.55
N THR F 225 -34.56 10.04 17.32
CA THR F 225 -35.35 10.16 16.11
C THR F 225 -36.02 8.86 15.69
N GLY F 226 -35.69 7.76 16.34
CA GLY F 226 -36.43 6.51 16.14
C GLY F 226 -36.52 6.02 14.72
N ASP F 227 -35.46 6.19 13.93
CA ASP F 227 -35.43 5.66 12.58
C ASP F 227 -34.63 4.35 12.57
N ARG F 228 -35.30 3.26 12.24
CA ARG F 228 -34.69 1.93 12.23
C ARG F 228 -34.67 1.44 10.79
N PRO F 229 -33.59 1.65 10.05
CA PRO F 229 -33.63 1.38 8.61
C PRO F 229 -33.63 -0.10 8.25
N HIS F 230 -33.05 -0.97 9.07
CA HIS F 230 -32.96 -2.39 8.77
C HIS F 230 -34.09 -3.14 9.47
N LYS F 231 -35.02 -3.68 8.69
CA LYS F 231 -36.17 -4.41 9.23
C LYS F 231 -36.19 -5.82 8.67
N CYS F 232 -36.57 -6.77 9.52
CA CYS F 232 -36.70 -8.16 9.11
C CYS F 232 -38.01 -8.38 8.37
N LYS F 233 -37.99 -9.32 7.43
CA LYS F 233 -39.14 -9.63 6.59
C LYS F 233 -40.12 -10.62 7.23
N GLU F 234 -39.76 -11.20 8.38
CA GLU F 234 -40.62 -12.20 9.02
C GLU F 234 -41.42 -11.61 10.18
N CYS F 235 -40.76 -11.13 11.22
CA CYS F 235 -41.44 -10.56 12.37
C CYS F 235 -41.53 -9.03 12.31
N GLY F 236 -40.96 -8.40 11.29
CA GLY F 236 -41.05 -6.96 11.17
C GLY F 236 -40.21 -6.17 12.15
N LYS F 237 -39.38 -6.82 12.96
CA LYS F 237 -38.49 -6.09 13.85
C LYS F 237 -37.54 -5.24 13.03
N ALA F 238 -37.19 -4.07 13.56
CA ALA F 238 -36.30 -3.14 12.88
C ALA F 238 -35.35 -2.50 13.88
N PHE F 239 -34.12 -2.31 13.45
CA PHE F 239 -33.05 -1.80 14.27
C PHE F 239 -32.19 -0.72 13.62
N ILE F 240 -31.40 -0.03 14.42
CA ILE F 240 -30.49 0.98 13.91
C ILE F 240 -29.50 0.38 12.91
N ARG F 241 -28.80 -0.68 13.31
CA ARG F 241 -27.66 -1.13 12.51
C ARG F 241 -28.00 -2.40 11.74
N ARG F 242 -27.26 -2.62 10.69
CA ARG F 242 -27.37 -3.76 9.84
C ARG F 242 -27.01 -5.04 10.55
N SER F 243 -25.98 -4.99 11.35
CA SER F 243 -25.47 -6.16 12.04
C SER F 243 -26.45 -6.61 13.12
N GLU F 244 -27.17 -5.68 13.74
CA GLU F 244 -28.29 -6.06 14.59
C GLU F 244 -29.25 -6.97 13.84
N LEU F 245 -29.54 -6.65 12.57
CA LEU F 245 -30.55 -7.42 11.86
C LEU F 245 -30.00 -8.77 11.41
N THR F 246 -28.74 -8.82 10.97
CA THR F 246 -28.15 -10.13 10.65
C THR F 246 -28.14 -11.03 11.88
N HIS F 247 -27.87 -10.46 13.06
CA HIS F 247 -27.90 -11.26 14.28
C HIS F 247 -29.32 -11.67 14.62
N HIS F 248 -30.33 -10.80 14.43
CA HIS F 248 -31.76 -11.15 14.70
C HIS F 248 -32.15 -12.26 13.82
N GLU F 249 -31.67 -12.21 12.60
CA GLU F 249 -32.11 -13.23 11.65
C GLU F 249 -31.58 -14.60 12.04
N ARG F 250 -30.41 -14.66 12.67
CA ARG F 250 -29.97 -15.92 13.27
C ARG F 250 -30.95 -16.40 14.32
N SER F 251 -31.62 -15.48 15.01
CA SER F 251 -32.54 -15.86 16.08
C SER F 251 -33.71 -16.68 15.58
N HIS F 252 -34.06 -16.60 14.29
CA HIS F 252 -35.18 -17.39 13.80
C HIS F 252 -34.77 -18.83 13.49
N SER F 253 -33.54 -19.05 13.02
CA SER F 253 -33.06 -20.38 12.70
C SER F 253 -32.44 -21.11 13.89
N GLY F 254 -32.12 -20.39 14.96
CA GLY F 254 -31.37 -20.99 16.05
C GLY F 254 -29.89 -21.13 15.79
N GLU F 255 -29.36 -20.52 14.73
CA GLU F 255 -27.94 -20.63 14.45
C GLU F 255 -27.15 -19.89 15.52
N LYS F 256 -26.23 -20.60 16.17
CA LYS F 256 -25.30 -20.02 17.15
C LYS F 256 -23.87 -20.29 16.70
N PRO F 257 -23.19 -19.30 16.07
CA PRO F 257 -21.88 -19.59 15.44
C PRO F 257 -20.64 -19.41 16.32
N TYR F 258 -20.75 -18.68 17.44
CA TYR F 258 -19.60 -18.46 18.31
C TYR F 258 -19.63 -19.47 19.45
N GLU F 259 -18.69 -20.42 19.42
CA GLU F 259 -18.60 -21.47 20.43
C GLU F 259 -17.37 -21.24 21.31
N CYS F 260 -17.56 -21.40 22.61
CA CYS F 260 -16.44 -21.25 23.53
C CYS F 260 -15.55 -22.47 23.45
N LYS F 261 -14.25 -22.26 23.70
CA LYS F 261 -13.31 -23.36 23.72
C LYS F 261 -13.42 -24.15 25.02
N GLU F 262 -13.38 -23.46 26.15
CA GLU F 262 -13.27 -24.12 27.45
C GLU F 262 -14.50 -24.96 27.77
N CYS F 263 -15.69 -24.35 27.83
CA CYS F 263 -16.87 -25.09 28.26
C CYS F 263 -17.81 -25.45 27.11
N GLY F 264 -17.61 -24.89 25.92
CA GLY F 264 -18.36 -25.30 24.76
C GLY F 264 -19.77 -24.76 24.63
N LYS F 265 -20.07 -23.62 25.24
CA LYS F 265 -21.38 -23.01 25.10
C LYS F 265 -21.51 -22.28 23.76
N THR F 266 -22.74 -22.19 23.26
CA THR F 266 -23.03 -21.62 21.95
C THR F 266 -23.60 -20.22 22.10
N PHE F 267 -23.17 -19.30 21.23
CA PHE F 267 -23.49 -17.89 21.42
C PHE F 267 -23.94 -17.25 20.12
N GLY F 268 -24.81 -16.24 20.27
CA GLY F 268 -25.34 -15.50 19.16
C GLY F 268 -24.38 -14.46 18.63
N ARG F 269 -23.68 -13.76 19.52
CA ARG F 269 -22.76 -12.70 19.12
C ARG F 269 -21.36 -13.02 19.61
N GLY F 270 -20.39 -12.31 19.04
CA GLY F 270 -19.04 -12.36 19.58
C GLY F 270 -18.96 -11.61 20.90
N SER F 271 -19.67 -10.49 21.01
CA SER F 271 -19.75 -9.77 22.28
C SER F 271 -20.12 -10.71 23.42
N GLU F 272 -21.04 -11.64 23.18
CA GLU F 272 -21.44 -12.57 24.22
C GLU F 272 -20.43 -13.70 24.44
N LEU F 273 -19.50 -13.96 23.51
CA LEU F 273 -18.47 -14.95 23.82
C LEU F 273 -17.34 -14.33 24.63
N SER F 274 -16.82 -13.16 24.20
CA SER F 274 -15.79 -12.48 24.99
CA SER F 274 -15.79 -12.49 24.99
C SER F 274 -16.27 -12.31 26.43
N ARG F 275 -17.53 -11.97 26.56
CA ARG F 275 -18.03 -11.79 27.90
C ARG F 275 -18.02 -13.05 28.72
N HIS F 276 -18.31 -14.16 28.06
CA HIS F 276 -18.44 -15.40 28.81
C HIS F 276 -17.10 -15.95 29.27
N GLN F 277 -16.00 -15.45 28.72
CA GLN F 277 -14.68 -15.95 29.08
C GLN F 277 -14.10 -15.26 30.31
N LYS F 278 -14.51 -14.03 30.59
CA LYS F 278 -14.10 -13.38 31.82
C LYS F 278 -14.60 -14.11 33.05
N ILE F 279 -15.62 -14.97 32.90
CA ILE F 279 -16.05 -15.81 34.00
C ILE F 279 -15.10 -16.99 34.16
N HIS F 280 -14.68 -17.60 33.05
CA HIS F 280 -13.81 -18.77 33.09
C HIS F 280 -12.58 -18.53 33.95
N THR F 281 -11.91 -17.41 33.73
CA THR F 281 -10.79 -16.99 34.57
C THR F 281 -10.51 -15.51 34.30
N GLY F 282 -11.41 -14.64 34.73
CA GLY F 282 -11.21 -13.21 34.55
C GLY F 282 -10.56 -12.55 35.75
#